data_1RHJ
#
_entry.id   1RHJ
#
_cell.length_a   50.187
_cell.length_b   68.764
_cell.length_c   93.008
_cell.angle_alpha   90.00
_cell.angle_beta   101.46
_cell.angle_gamma   90.00
#
_symmetry.space_group_name_H-M   'P 1 21 1'
#
loop_
_entity.id
_entity.type
_entity.pdbx_description
1 polymer Caspase-3
2 polymer Caspase-3
3 non-polymer '3-(2-{5-TERT-BUTYL-3-[(4-METHYL-FURAZAN-3-YLMETHYL)-AMINO]-2-OXO-2H-PYRAZIN-1-YL}-BUTYRYLAMINO)-5-(HEXYL-METHYL-AMINO)-4-OXO-PENTANOIC ACID ANION'
4 water water
#
loop_
_entity_poly.entity_id
_entity_poly.type
_entity_poly.pdbx_seq_one_letter_code
_entity_poly.pdbx_strand_id
1 'polypeptide(L)'
;SGISLDNSYKMDYPEMGLCIIINNKNFHKSTGMTSRSGTDVDAANLRETFRNLKYEVRNKNDLTREEIVELMRDVSKEDH
SKRSSFVCVLLSHGEEGIIFGTNGPVDLKKITNFFRGDRCRSLTGKPKLFIIQACRGTELDCGIETD
;
A,C
2 'polypeptide(L)'
;SGVDDDMACHKIPVEADFLYAYSTAPGYYSWRNSKDGSWFIQSLCAMLKQYADKLEFMHILTRVNRKVATEFESFSFDAT
FHAKKQIPCIVSMLTKELYFYHLEHHHHHH
;
B,D
#
loop_
_chem_comp.id
_chem_comp.type
_chem_comp.name
_chem_comp.formula
PZN non-polymer '3-(2-{5-TERT-BUTYL-3-[(4-METHYL-FURAZAN-3-YLMETHYL)-AMINO]-2-OXO-2H-PYRAZIN-1-YL}-BUTYRYLAMINO)-5-(HEXYL-METHYL-AMINO)-4-OXO-PENTANOIC ACID ANION' 'C28 H44 N7 O6 -1'
#
# COMPACT_ATOMS: atom_id res chain seq x y z
N ASP A 6 -4.88 22.54 6.32
CA ASP A 6 -5.61 21.45 7.02
C ASP A 6 -5.20 20.10 6.41
N ASN A 7 -4.57 19.27 7.23
CA ASN A 7 -4.09 17.95 6.80
C ASN A 7 -5.00 16.82 7.26
N SER A 8 -6.30 17.11 7.35
CA SER A 8 -7.27 16.12 7.79
C SER A 8 -8.54 16.28 6.95
N TYR A 9 -9.02 15.18 6.38
CA TYR A 9 -10.22 15.21 5.55
C TYR A 9 -11.42 15.81 6.29
N LYS A 10 -12.21 16.60 5.56
CA LYS A 10 -13.41 17.20 6.10
C LYS A 10 -14.45 16.09 6.23
N MET A 11 -14.73 15.69 7.45
CA MET A 11 -15.71 14.62 7.70
C MET A 11 -16.93 15.18 8.40
N ASP A 12 -17.22 16.46 8.17
CA ASP A 12 -18.38 17.09 8.78
C ASP A 12 -19.49 17.43 7.80
N TYR A 13 -19.55 16.66 6.71
CA TYR A 13 -20.59 16.86 5.71
C TYR A 13 -21.89 16.37 6.35
N PRO A 14 -23.04 16.72 5.76
CA PRO A 14 -24.31 16.25 6.33
C PRO A 14 -24.29 14.75 6.66
N GLU A 15 -23.61 13.96 5.83
CA GLU A 15 -23.53 12.53 6.06
C GLU A 15 -22.15 11.92 5.76
N MET A 16 -21.76 10.95 6.56
CA MET A 16 -20.47 10.27 6.40
C MET A 16 -20.34 9.70 5.00
N GLY A 17 -21.45 9.15 4.49
CA GLY A 17 -21.44 8.58 3.15
C GLY A 17 -21.91 7.14 3.09
N LEU A 18 -21.86 6.58 1.89
CA LEU A 18 -22.29 5.21 1.67
C LEU A 18 -21.22 4.17 2.03
N CYS A 19 -21.69 2.96 2.36
CA CYS A 19 -20.81 1.84 2.66
C CYS A 19 -21.45 0.66 1.95
N ILE A 20 -20.96 0.36 0.75
CA ILE A 20 -21.48 -0.75 -0.03
C ILE A 20 -20.73 -2.01 0.32
N ILE A 21 -21.48 -3.01 0.78
CA ILE A 21 -20.88 -4.29 1.16
C ILE A 21 -21.33 -5.38 0.22
N ILE A 22 -20.39 -5.94 -0.52
CA ILE A 22 -20.72 -7.01 -1.44
C ILE A 22 -20.21 -8.32 -0.85
N ASN A 23 -21.15 -9.15 -0.41
CA ASN A 23 -20.83 -10.42 0.20
C ASN A 23 -21.21 -11.59 -0.69
N ASN A 24 -20.22 -12.22 -1.31
CA ASN A 24 -20.46 -13.38 -2.18
C ASN A 24 -20.09 -14.68 -1.47
N LYS A 25 -21.10 -15.50 -1.19
CA LYS A 25 -20.89 -16.77 -0.51
C LYS A 25 -20.99 -18.00 -1.42
N ASN A 26 -22.00 -18.03 -2.28
CA ASN A 26 -22.22 -19.16 -3.17
C ASN A 26 -21.87 -18.84 -4.62
N PHE A 27 -21.11 -19.73 -5.25
CA PHE A 27 -20.70 -19.54 -6.63
C PHE A 27 -21.15 -20.65 -7.57
N HIS A 28 -21.51 -20.26 -8.79
CA HIS A 28 -21.98 -21.18 -9.82
C HIS A 28 -21.03 -22.36 -9.93
N LYS A 29 -21.60 -23.55 -10.16
CA LYS A 29 -20.79 -24.76 -10.29
C LYS A 29 -19.78 -24.60 -11.41
N SER A 30 -20.22 -23.94 -12.48
CA SER A 30 -19.37 -23.71 -13.65
C SER A 30 -18.08 -22.94 -13.32
N THR A 31 -17.90 -22.55 -12.07
CA THR A 31 -16.71 -21.82 -11.67
C THR A 31 -15.71 -22.68 -10.90
N GLY A 32 -16.22 -23.59 -10.08
CA GLY A 32 -15.34 -24.45 -9.31
C GLY A 32 -14.93 -23.80 -8.00
N MET A 33 -15.58 -22.68 -7.67
CA MET A 33 -15.30 -21.95 -6.43
C MET A 33 -16.15 -22.53 -5.31
N THR A 34 -15.52 -22.74 -4.16
CA THR A 34 -16.21 -23.29 -3.00
C THR A 34 -17.05 -22.22 -2.30
N SER A 35 -18.02 -22.68 -1.51
CA SER A 35 -18.90 -21.77 -0.77
C SER A 35 -18.08 -21.15 0.37
N ARG A 36 -18.15 -19.83 0.51
CA ARG A 36 -17.37 -19.15 1.54
C ARG A 36 -18.05 -19.09 2.90
N SER A 37 -18.11 -20.23 3.59
CA SER A 37 -18.72 -20.33 4.90
C SER A 37 -18.10 -19.36 5.91
N GLY A 38 -18.95 -18.63 6.63
CA GLY A 38 -18.47 -17.68 7.61
C GLY A 38 -18.51 -16.24 7.11
N THR A 39 -18.63 -16.06 5.79
CA THR A 39 -18.65 -14.72 5.23
C THR A 39 -19.84 -13.89 5.70
N ASP A 40 -20.96 -14.53 5.97
CA ASP A 40 -22.16 -13.82 6.44
C ASP A 40 -21.86 -13.14 7.76
N VAL A 41 -21.02 -13.76 8.57
CA VAL A 41 -20.63 -13.20 9.86
C VAL A 41 -19.91 -11.89 9.62
N ASP A 42 -19.03 -11.87 8.64
CA ASP A 42 -18.28 -10.66 8.31
C ASP A 42 -19.25 -9.58 7.83
N ALA A 43 -20.13 -9.96 6.90
CA ALA A 43 -21.09 -9.01 6.34
C ALA A 43 -21.89 -8.31 7.41
N ALA A 44 -22.48 -9.11 8.30
CA ALA A 44 -23.28 -8.57 9.39
C ALA A 44 -22.41 -7.74 10.33
N ASN A 45 -21.18 -8.19 10.54
CA ASN A 45 -20.25 -7.51 11.41
C ASN A 45 -19.93 -6.11 10.86
N LEU A 46 -19.63 -6.05 9.56
CA LEU A 46 -19.31 -4.80 8.90
C LEU A 46 -20.50 -3.84 8.90
N ARG A 47 -21.71 -4.39 8.72
CA ARG A 47 -22.92 -3.58 8.71
C ARG A 47 -23.10 -2.85 10.03
N GLU A 48 -22.89 -3.56 11.13
CA GLU A 48 -23.03 -2.98 12.46
C GLU A 48 -21.92 -1.98 12.75
N THR A 49 -20.69 -2.35 12.39
CA THR A 49 -19.54 -1.50 12.62
C THR A 49 -19.71 -0.16 11.90
N PHE A 50 -20.02 -0.22 10.61
CA PHE A 50 -20.18 1.01 9.84
C PHE A 50 -21.47 1.78 10.12
N ARG A 51 -22.43 1.14 10.77
CA ARG A 51 -23.66 1.84 11.13
C ARG A 51 -23.28 2.72 12.32
N ASN A 52 -22.46 2.15 13.20
CA ASN A 52 -21.99 2.87 14.38
C ASN A 52 -21.13 4.05 13.95
N LEU A 53 -20.49 3.95 12.80
CA LEU A 53 -19.64 5.02 12.30
C LEU A 53 -20.46 6.06 11.54
N LYS A 54 -21.76 5.82 11.43
CA LYS A 54 -22.69 6.72 10.76
C LYS A 54 -22.67 6.63 9.24
N TYR A 55 -22.39 5.45 8.71
CA TYR A 55 -22.39 5.24 7.26
C TYR A 55 -23.70 4.60 6.84
N GLU A 56 -24.19 5.02 5.69
CA GLU A 56 -25.42 4.48 5.14
C GLU A 56 -25.01 3.15 4.51
N VAL A 57 -25.22 2.05 5.23
CA VAL A 57 -24.83 0.73 4.75
C VAL A 57 -25.83 0.04 3.82
N ARG A 58 -25.30 -0.59 2.78
CA ARG A 58 -26.12 -1.32 1.81
C ARG A 58 -25.47 -2.67 1.57
N ASN A 59 -26.15 -3.75 1.99
CA ASN A 59 -25.63 -5.09 1.78
C ASN A 59 -26.18 -5.67 0.48
N LYS A 60 -25.32 -6.36 -0.26
CA LYS A 60 -25.70 -6.99 -1.52
C LYS A 60 -25.07 -8.37 -1.52
N ASN A 61 -25.89 -9.42 -1.61
CA ASN A 61 -25.36 -10.77 -1.61
C ASN A 61 -25.37 -11.49 -2.95
N ASP A 62 -24.45 -12.44 -3.09
CA ASP A 62 -24.31 -13.26 -4.29
C ASP A 62 -24.61 -12.51 -5.58
N LEU A 63 -23.68 -11.64 -5.98
CA LEU A 63 -23.85 -10.87 -7.21
C LEU A 63 -22.91 -11.39 -8.30
N THR A 64 -23.42 -11.45 -9.53
CA THR A 64 -22.60 -11.90 -10.66
C THR A 64 -21.63 -10.78 -10.98
N ARG A 65 -20.66 -11.06 -11.84
CA ARG A 65 -19.69 -10.04 -12.22
C ARG A 65 -20.46 -8.87 -12.81
N GLU A 66 -21.43 -9.19 -13.67
CA GLU A 66 -22.24 -8.16 -14.30
C GLU A 66 -22.92 -7.30 -13.24
N GLU A 67 -23.50 -7.94 -12.25
CA GLU A 67 -24.19 -7.24 -11.19
C GLU A 67 -23.24 -6.37 -10.36
N ILE A 68 -21.99 -6.80 -10.25
CA ILE A 68 -21.02 -6.01 -9.49
C ILE A 68 -20.68 -4.74 -10.25
N VAL A 69 -20.27 -4.89 -11.50
CA VAL A 69 -19.92 -3.72 -12.31
C VAL A 69 -21.10 -2.76 -12.45
N GLU A 70 -22.29 -3.31 -12.66
CA GLU A 70 -23.49 -2.50 -12.82
C GLU A 70 -23.78 -1.72 -11.54
N LEU A 71 -23.65 -2.39 -10.40
CA LEU A 71 -23.91 -1.80 -9.10
C LEU A 71 -22.93 -0.66 -8.81
N MET A 72 -21.64 -0.96 -8.98
CA MET A 72 -20.61 0.02 -8.74
C MET A 72 -20.72 1.22 -9.67
N ARG A 73 -21.14 0.96 -10.91
CA ARG A 73 -21.30 2.03 -11.87
C ARG A 73 -22.44 2.96 -11.48
N ASP A 74 -23.54 2.39 -10.96
CA ASP A 74 -24.67 3.20 -10.55
C ASP A 74 -24.37 3.97 -9.28
N VAL A 75 -23.63 3.36 -8.37
CA VAL A 75 -23.30 4.04 -7.13
C VAL A 75 -22.44 5.26 -7.42
N SER A 76 -21.53 5.14 -8.37
CA SER A 76 -20.64 6.25 -8.73
C SER A 76 -21.38 7.39 -9.42
N LYS A 77 -22.52 7.08 -10.04
CA LYS A 77 -23.30 8.11 -10.74
C LYS A 77 -24.22 8.87 -9.80
N GLU A 78 -24.27 8.45 -8.54
CA GLU A 78 -25.11 9.11 -7.54
C GLU A 78 -24.48 10.43 -7.17
N ASP A 79 -25.25 11.30 -6.52
CA ASP A 79 -24.72 12.59 -6.10
C ASP A 79 -24.21 12.47 -4.67
N HIS A 80 -22.89 12.49 -4.52
CA HIS A 80 -22.24 12.37 -3.21
C HIS A 80 -21.89 13.73 -2.57
N SER A 81 -22.45 14.80 -3.12
CA SER A 81 -22.20 16.16 -2.65
C SER A 81 -22.35 16.39 -1.15
N LYS A 82 -23.31 15.73 -0.53
CA LYS A 82 -23.52 15.89 0.91
C LYS A 82 -22.88 14.78 1.72
N ARG A 83 -22.05 13.97 1.06
CA ARG A 83 -21.38 12.86 1.74
C ARG A 83 -19.88 13.10 1.88
N SER A 84 -19.37 12.86 3.08
CA SER A 84 -17.96 13.04 3.40
C SER A 84 -17.00 12.06 2.73
N SER A 85 -17.48 10.86 2.47
CA SER A 85 -16.62 9.84 1.87
C SER A 85 -17.40 8.71 1.23
N PHE A 86 -16.67 7.66 0.85
CA PHE A 86 -17.26 6.48 0.23
C PHE A 86 -16.52 5.23 0.70
N VAL A 87 -17.29 4.18 1.00
CA VAL A 87 -16.71 2.93 1.45
C VAL A 87 -17.29 1.75 0.69
N CYS A 88 -16.41 0.89 0.18
CA CYS A 88 -16.84 -0.31 -0.51
C CYS A 88 -16.11 -1.50 0.07
N VAL A 89 -16.85 -2.52 0.44
CA VAL A 89 -16.28 -3.73 1.00
C VAL A 89 -16.61 -4.89 0.09
N LEU A 90 -15.59 -5.66 -0.24
CA LEU A 90 -15.76 -6.80 -1.12
C LEU A 90 -15.36 -8.07 -0.39
N LEU A 91 -16.26 -9.04 -0.37
CA LEU A 91 -16.02 -10.30 0.30
C LEU A 91 -16.26 -11.41 -0.71
N SER A 92 -15.20 -12.06 -1.15
CA SER A 92 -15.34 -13.12 -2.15
C SER A 92 -13.99 -13.78 -2.39
N HIS A 93 -13.94 -14.62 -3.43
CA HIS A 93 -12.69 -15.28 -3.80
C HIS A 93 -11.97 -14.28 -4.70
N GLY A 94 -10.70 -14.52 -4.97
CA GLY A 94 -9.97 -13.61 -5.83
C GLY A 94 -8.57 -14.06 -6.17
N GLU A 95 -7.94 -13.28 -7.04
CA GLU A 95 -6.57 -13.50 -7.50
C GLU A 95 -5.96 -12.12 -7.39
N GLU A 96 -4.69 -11.96 -7.75
CA GLU A 96 -4.08 -10.64 -7.68
C GLU A 96 -4.84 -9.69 -8.61
N GLY A 97 -5.33 -8.59 -8.06
CA GLY A 97 -6.06 -7.61 -8.85
C GLY A 97 -7.44 -8.06 -9.33
N ILE A 98 -7.95 -9.16 -8.78
CA ILE A 98 -9.25 -9.69 -9.18
C ILE A 98 -10.14 -10.15 -8.02
N ILE A 99 -11.44 -9.94 -8.17
CA ILE A 99 -12.42 -10.41 -7.18
C ILE A 99 -13.50 -11.11 -8.00
N PHE A 100 -13.98 -12.25 -7.52
CA PHE A 100 -14.99 -13.01 -8.25
C PHE A 100 -16.45 -12.73 -8.00
N GLY A 101 -17.19 -12.55 -9.09
CA GLY A 101 -18.62 -12.36 -8.99
C GLY A 101 -19.06 -13.81 -8.83
N THR A 102 -20.33 -14.07 -8.63
CA THR A 102 -20.78 -15.45 -8.47
C THR A 102 -20.54 -16.30 -9.72
N ASN A 103 -20.43 -15.64 -10.86
CA ASN A 103 -20.24 -16.35 -12.13
C ASN A 103 -18.91 -16.15 -12.82
N GLY A 104 -18.01 -15.38 -12.21
CA GLY A 104 -16.73 -15.18 -12.86
C GLY A 104 -15.90 -14.03 -12.32
N PRO A 105 -14.64 -13.91 -12.76
CA PRO A 105 -13.73 -12.85 -12.32
C PRO A 105 -14.07 -11.44 -12.79
N VAL A 106 -13.69 -10.46 -11.96
CA VAL A 106 -13.90 -9.05 -12.24
C VAL A 106 -12.63 -8.34 -11.80
N ASP A 107 -12.03 -7.57 -12.71
CA ASP A 107 -10.81 -6.85 -12.37
C ASP A 107 -11.15 -5.69 -11.44
N LEU A 108 -10.44 -5.61 -10.32
CA LEU A 108 -10.66 -4.55 -9.35
C LEU A 108 -10.50 -3.16 -9.93
N LYS A 109 -9.56 -3.01 -10.86
CA LYS A 109 -9.32 -1.73 -11.49
C LYS A 109 -10.60 -1.21 -12.14
N LYS A 110 -11.39 -2.10 -12.71
CA LYS A 110 -12.63 -1.68 -13.39
C LYS A 110 -13.66 -1.03 -12.47
N ILE A 111 -13.94 -1.62 -11.31
CA ILE A 111 -14.92 -1.04 -10.42
C ILE A 111 -14.34 0.18 -9.69
N THR A 112 -13.03 0.18 -9.49
CA THR A 112 -12.37 1.29 -8.84
C THR A 112 -12.35 2.55 -9.73
N ASN A 113 -12.23 2.35 -11.04
CA ASN A 113 -12.18 3.48 -11.98
C ASN A 113 -13.45 4.34 -12.00
N PHE A 114 -14.60 3.75 -11.70
CA PHE A 114 -15.84 4.52 -11.67
C PHE A 114 -15.71 5.67 -10.68
N PHE A 115 -14.84 5.49 -9.69
CA PHE A 115 -14.68 6.48 -8.64
C PHE A 115 -13.43 7.35 -8.71
N ARG A 116 -12.68 7.29 -9.81
CA ARG A 116 -11.48 8.10 -9.89
C ARG A 116 -11.76 9.55 -10.26
N GLY A 117 -11.20 10.46 -9.46
CA GLY A 117 -11.35 11.90 -9.66
C GLY A 117 -12.28 12.45 -10.73
N ASP A 118 -11.79 12.47 -11.96
CA ASP A 118 -12.56 12.98 -13.09
C ASP A 118 -13.81 12.16 -13.40
N ARG A 119 -13.84 10.95 -12.87
CA ARG A 119 -14.96 10.02 -13.08
C ARG A 119 -16.14 10.31 -12.17
N CYS A 120 -15.86 10.51 -10.89
CA CYS A 120 -16.91 10.78 -9.92
C CYS A 120 -16.73 12.13 -9.25
N ARG A 121 -17.14 13.17 -9.97
CA ARG A 121 -17.04 14.54 -9.52
C ARG A 121 -17.45 14.84 -8.08
N SER A 122 -18.54 14.25 -7.59
CA SER A 122 -18.99 14.52 -6.24
C SER A 122 -18.16 13.84 -5.14
N LEU A 123 -17.17 13.05 -5.54
CA LEU A 123 -16.31 12.39 -4.56
C LEU A 123 -14.87 12.90 -4.70
N THR A 124 -14.66 13.79 -5.66
CA THR A 124 -13.34 14.34 -5.90
C THR A 124 -12.83 15.01 -4.63
N GLY A 125 -11.60 14.67 -4.23
CA GLY A 125 -11.03 15.28 -3.03
C GLY A 125 -11.51 14.64 -1.74
N LYS A 126 -12.38 13.65 -1.86
CA LYS A 126 -12.92 12.95 -0.70
C LYS A 126 -12.33 11.54 -0.64
N PRO A 127 -12.13 11.00 0.58
CA PRO A 127 -11.57 9.67 0.78
C PRO A 127 -12.45 8.53 0.28
N LYS A 128 -11.87 7.70 -0.59
CA LYS A 128 -12.55 6.56 -1.17
C LYS A 128 -11.85 5.28 -0.70
N LEU A 129 -12.53 4.53 0.17
CA LEU A 129 -11.97 3.32 0.76
C LEU A 129 -12.50 2.01 0.19
N PHE A 130 -11.57 1.13 -0.16
CA PHE A 130 -11.93 -0.17 -0.68
C PHE A 130 -11.30 -1.21 0.24
N ILE A 131 -12.15 -1.91 0.99
CA ILE A 131 -11.71 -2.94 1.92
C ILE A 131 -11.95 -4.27 1.21
N ILE A 132 -10.87 -5.01 0.96
CA ILE A 132 -10.97 -6.25 0.22
C ILE A 132 -10.53 -7.53 0.93
N GLN A 133 -11.47 -8.45 1.11
CA GLN A 133 -11.19 -9.73 1.74
C GLN A 133 -11.28 -10.75 0.61
N ALA A 134 -10.12 -11.18 0.13
CA ALA A 134 -10.02 -12.14 -0.95
C ALA A 134 -8.55 -12.47 -1.16
N CYS A 135 -8.29 -13.59 -1.82
CA CYS A 135 -6.93 -14.01 -2.09
C CYS A 135 -6.32 -13.15 -3.19
N ARG A 136 -5.00 -13.02 -3.15
CA ARG A 136 -4.26 -12.23 -4.13
C ARG A 136 -3.20 -13.14 -4.75
N GLY A 137 -3.42 -14.45 -4.64
CA GLY A 137 -2.48 -15.40 -5.19
C GLY A 137 -2.56 -16.74 -4.47
N THR A 138 -1.53 -17.55 -4.62
CA THR A 138 -1.51 -18.86 -3.99
C THR A 138 -0.25 -19.10 -3.17
N GLU A 139 0.41 -18.03 -2.73
CA GLU A 139 1.60 -18.17 -1.91
C GLU A 139 1.15 -18.31 -0.46
N LEU A 140 1.81 -19.19 0.28
CA LEU A 140 1.48 -19.39 1.68
C LEU A 140 2.59 -18.82 2.55
N ASP A 141 2.21 -18.21 3.66
CA ASP A 141 3.18 -17.63 4.59
C ASP A 141 3.34 -18.62 5.75
N CYS A 142 4.47 -19.31 5.79
CA CYS A 142 4.71 -20.29 6.84
C CYS A 142 5.07 -19.67 8.19
N GLY A 143 5.39 -18.38 8.20
CA GLY A 143 5.74 -17.70 9.44
C GLY A 143 7.16 -17.95 9.88
N ILE A 144 7.58 -17.26 10.94
CA ILE A 144 8.93 -17.40 11.48
C ILE A 144 8.93 -17.17 12.99
N GLU A 145 9.95 -17.70 13.66
CA GLU A 145 10.10 -17.56 15.10
C GLU A 145 9.01 -18.32 15.86
N LYS B 11 -5.64 21.44 -9.46
CA LYS B 11 -5.55 20.18 -10.26
C LYS B 11 -4.90 19.05 -9.44
N ILE B 12 -5.62 17.95 -9.27
CA ILE B 12 -5.10 16.82 -8.51
C ILE B 12 -5.13 15.51 -9.31
N PRO B 13 -4.32 14.53 -8.89
CA PRO B 13 -4.28 13.24 -9.59
C PRO B 13 -5.65 12.57 -9.50
N VAL B 14 -6.07 11.89 -10.56
CA VAL B 14 -7.37 11.22 -10.54
C VAL B 14 -7.31 9.95 -9.70
N GLU B 15 -6.09 9.51 -9.37
CA GLU B 15 -5.92 8.31 -8.55
C GLU B 15 -5.74 8.70 -7.09
N ALA B 16 -5.72 10.00 -6.82
CA ALA B 16 -5.55 10.48 -5.45
C ALA B 16 -6.77 10.23 -4.59
N ASP B 17 -6.54 10.13 -3.28
CA ASP B 17 -7.56 9.93 -2.28
C ASP B 17 -8.23 8.57 -2.26
N PHE B 18 -7.49 7.57 -2.68
CA PHE B 18 -7.98 6.21 -2.68
C PHE B 18 -7.21 5.48 -1.59
N LEU B 19 -7.88 4.55 -0.91
CA LEU B 19 -7.22 3.74 0.09
C LEU B 19 -7.71 2.31 -0.10
N TYR B 20 -6.78 1.37 -0.24
CA TYR B 20 -7.16 -0.01 -0.39
C TYR B 20 -6.63 -0.82 0.78
N ALA B 21 -7.53 -1.32 1.62
CA ALA B 21 -7.13 -2.12 2.75
C ALA B 21 -7.25 -3.57 2.35
N TYR B 22 -6.14 -4.14 1.89
CA TYR B 22 -6.13 -5.54 1.48
C TYR B 22 -5.98 -6.41 2.72
N SER B 23 -6.64 -7.55 2.70
CA SER B 23 -6.60 -8.50 3.81
C SER B 23 -5.30 -9.29 3.83
N THR B 24 -4.58 -9.27 2.71
CA THR B 24 -3.34 -10.02 2.60
C THR B 24 -2.34 -9.36 1.65
N ALA B 25 -1.09 -9.80 1.73
CA ALA B 25 -0.03 -9.25 0.89
C ALA B 25 -0.15 -9.74 -0.56
N PRO B 26 0.36 -8.95 -1.52
CA PRO B 26 0.32 -9.31 -2.94
C PRO B 26 0.79 -10.75 -3.20
N GLY B 27 0.03 -11.50 -3.99
CA GLY B 27 0.42 -12.86 -4.31
C GLY B 27 0.07 -13.92 -3.29
N TYR B 28 -0.46 -13.49 -2.14
CA TYR B 28 -0.81 -14.45 -1.09
C TYR B 28 -2.27 -14.79 -0.92
N TYR B 29 -2.47 -15.93 -0.25
CA TYR B 29 -3.80 -16.44 0.08
C TYR B 29 -4.30 -15.58 1.22
N SER B 30 -5.61 -15.60 1.45
CA SER B 30 -6.22 -14.87 2.55
C SER B 30 -7.13 -15.86 3.28
N TRP B 31 -6.97 -15.96 4.59
CA TRP B 31 -7.74 -16.92 5.38
C TRP B 31 -9.06 -16.48 6.00
N ARG B 32 -9.99 -17.43 6.06
CA ARG B 32 -11.32 -17.21 6.60
C ARG B 32 -11.68 -18.38 7.52
N ASN B 33 -12.29 -18.07 8.67
CA ASN B 33 -12.70 -19.11 9.60
C ASN B 33 -14.19 -19.39 9.40
N SER B 34 -14.54 -20.67 9.31
CA SER B 34 -15.91 -21.11 9.07
C SER B 34 -17.01 -20.52 9.96
N LYS B 35 -16.70 -20.26 11.23
CA LYS B 35 -17.72 -19.73 12.12
C LYS B 35 -17.51 -18.29 12.54
N ASP B 36 -16.26 -17.83 12.57
CA ASP B 36 -15.96 -16.46 13.00
C ASP B 36 -15.84 -15.47 11.85
N GLY B 37 -15.63 -15.99 10.65
CA GLY B 37 -15.46 -15.12 9.50
C GLY B 37 -13.97 -15.02 9.18
N SER B 38 -13.60 -14.13 8.26
CA SER B 38 -12.20 -13.95 7.88
C SER B 38 -11.41 -13.29 9.00
N TRP B 39 -10.14 -13.67 9.10
CA TRP B 39 -9.27 -13.11 10.13
C TRP B 39 -9.19 -11.59 10.02
N PHE B 40 -9.08 -11.12 8.78
CA PHE B 40 -8.96 -9.71 8.49
C PHE B 40 -10.20 -8.89 8.84
N ILE B 41 -11.37 -9.36 8.40
CA ILE B 41 -12.58 -8.61 8.67
C ILE B 41 -12.91 -8.60 10.16
N GLN B 42 -12.77 -9.73 10.84
CA GLN B 42 -13.10 -9.71 12.26
C GLN B 42 -12.10 -8.82 13.00
N SER B 43 -10.86 -8.78 12.52
CA SER B 43 -9.86 -7.92 13.14
C SER B 43 -10.16 -6.46 12.86
N LEU B 44 -10.53 -6.13 11.62
CA LEU B 44 -10.86 -4.76 11.26
C LEU B 44 -12.04 -4.23 12.06
N CYS B 45 -13.10 -5.02 12.18
CA CYS B 45 -14.26 -4.58 12.94
C CYS B 45 -13.91 -4.35 14.41
N ALA B 46 -13.22 -5.31 15.02
CA ALA B 46 -12.83 -5.19 16.40
C ALA B 46 -11.94 -3.96 16.64
N MET B 47 -11.04 -3.68 15.70
CA MET B 47 -10.15 -2.52 15.85
C MET B 47 -10.91 -1.22 15.69
N LEU B 48 -11.85 -1.18 14.76
CA LEU B 48 -12.64 0.01 14.57
C LEU B 48 -13.51 0.26 15.79
N LYS B 49 -13.96 -0.81 16.44
CA LYS B 49 -14.80 -0.68 17.63
C LYS B 49 -14.07 -0.02 18.79
N GLN B 50 -12.84 -0.44 19.02
CA GLN B 50 -12.06 0.12 20.12
C GLN B 50 -11.44 1.46 19.85
N TYR B 51 -11.03 1.71 18.60
CA TYR B 51 -10.35 2.95 18.26
C TYR B 51 -10.92 3.94 17.25
N ALA B 52 -12.04 3.61 16.62
CA ALA B 52 -12.60 4.54 15.63
C ALA B 52 -12.85 5.91 16.22
N ASP B 53 -12.98 5.99 17.54
CA ASP B 53 -13.24 7.26 18.20
C ASP B 53 -11.97 7.95 18.70
N LYS B 54 -10.82 7.34 18.44
CA LYS B 54 -9.55 7.91 18.88
C LYS B 54 -8.47 8.00 17.81
N LEU B 55 -8.11 6.84 17.25
CA LEU B 55 -7.04 6.75 16.25
C LEU B 55 -7.34 7.16 14.81
N GLU B 56 -6.32 7.70 14.16
CA GLU B 56 -6.41 8.10 12.76
C GLU B 56 -6.52 6.75 12.03
N PHE B 57 -7.26 6.72 10.93
CA PHE B 57 -7.45 5.44 10.22
C PHE B 57 -6.22 4.58 9.91
N MET B 58 -5.11 5.18 9.51
CA MET B 58 -3.90 4.41 9.20
C MET B 58 -3.39 3.65 10.42
N HIS B 59 -3.43 4.28 11.57
CA HIS B 59 -2.96 3.64 12.79
C HIS B 59 -3.92 2.52 13.21
N ILE B 60 -5.19 2.66 12.86
CA ILE B 60 -6.17 1.62 13.18
C ILE B 60 -5.87 0.42 12.30
N LEU B 61 -5.56 0.68 11.04
CA LEU B 61 -5.25 -0.40 10.11
C LEU B 61 -3.92 -1.08 10.49
N THR B 62 -3.02 -0.33 11.12
CA THR B 62 -1.74 -0.90 11.52
C THR B 62 -2.02 -1.87 12.68
N ARG B 63 -2.98 -1.50 13.52
CA ARG B 63 -3.37 -2.34 14.65
C ARG B 63 -3.98 -3.62 14.09
N VAL B 64 -4.72 -3.49 12.99
CA VAL B 64 -5.35 -4.62 12.35
C VAL B 64 -4.24 -5.54 11.83
N ASN B 65 -3.21 -4.94 11.22
CA ASN B 65 -2.08 -5.71 10.71
C ASN B 65 -1.46 -6.55 11.84
N ARG B 66 -1.27 -5.93 13.01
CA ARG B 66 -0.67 -6.62 14.15
C ARG B 66 -1.56 -7.73 14.71
N LYS B 67 -2.86 -7.47 14.81
CA LYS B 67 -3.79 -8.45 15.35
C LYS B 67 -3.84 -9.70 14.47
N VAL B 68 -3.95 -9.50 13.16
CA VAL B 68 -3.99 -10.63 12.23
C VAL B 68 -2.69 -11.42 12.22
N ALA B 69 -1.58 -10.68 12.22
CA ALA B 69 -0.25 -11.30 12.18
C ALA B 69 0.12 -12.06 13.45
N THR B 70 -0.49 -11.71 14.56
CA THR B 70 -0.14 -12.35 15.83
C THR B 70 -1.15 -13.32 16.40
N GLU B 71 -2.43 -12.96 16.36
CA GLU B 71 -3.47 -13.79 16.95
C GLU B 71 -4.06 -14.88 16.06
N PHE B 72 -3.58 -14.98 14.83
CA PHE B 72 -4.14 -15.99 13.93
C PHE B 72 -3.11 -16.92 13.28
N GLU B 73 -3.52 -18.17 13.11
CA GLU B 73 -2.72 -19.20 12.47
C GLU B 73 -3.68 -20.27 11.97
N SER B 74 -3.42 -20.83 10.80
CA SER B 74 -4.31 -21.85 10.25
C SER B 74 -4.10 -23.21 10.90
N PHE B 75 -5.20 -23.95 11.04
CA PHE B 75 -5.19 -25.29 11.61
C PHE B 75 -5.88 -26.19 10.60
N SER B 76 -5.13 -27.08 9.96
CA SER B 76 -5.68 -27.96 8.95
C SER B 76 -5.12 -29.37 9.00
N PHE B 77 -5.96 -30.36 8.74
CA PHE B 77 -5.50 -31.75 8.76
C PHE B 77 -4.61 -31.93 7.54
N ASP B 78 -4.69 -30.97 6.62
CA ASP B 78 -3.89 -30.99 5.40
C ASP B 78 -2.57 -30.25 5.66
N ALA B 79 -1.48 -31.01 5.76
CA ALA B 79 -0.16 -30.45 6.04
C ALA B 79 0.18 -29.21 5.20
N THR B 80 -0.27 -29.20 3.95
CA THR B 80 0.01 -28.09 3.05
C THR B 80 -0.57 -26.76 3.53
N PHE B 81 -1.75 -26.80 4.16
CA PHE B 81 -2.38 -25.58 4.63
C PHE B 81 -2.36 -25.41 6.13
N HIS B 82 -1.52 -26.18 6.81
CA HIS B 82 -1.44 -26.13 8.27
C HIS B 82 -0.39 -25.19 8.86
N ALA B 83 -0.76 -24.53 9.95
CA ALA B 83 0.13 -23.61 10.66
C ALA B 83 0.63 -22.44 9.79
N LYS B 84 -0.25 -21.90 8.96
CA LYS B 84 0.10 -20.78 8.10
C LYS B 84 -0.28 -19.45 8.75
N LYS B 85 0.42 -18.40 8.35
CA LYS B 85 0.19 -17.07 8.91
C LYS B 85 -0.30 -16.10 7.84
N GLN B 86 -0.64 -14.90 8.27
CA GLN B 86 -1.13 -13.89 7.34
C GLN B 86 -0.80 -12.48 7.77
N ILE B 87 -0.51 -11.62 6.80
CA ILE B 87 -0.25 -10.21 7.08
C ILE B 87 -1.09 -9.40 6.10
N PRO B 88 -1.87 -8.43 6.61
CA PRO B 88 -2.69 -7.63 5.71
C PRO B 88 -1.80 -6.64 4.96
N CYS B 89 -2.37 -5.93 3.99
CA CYS B 89 -1.61 -4.99 3.18
C CYS B 89 -2.37 -3.68 2.97
N ILE B 90 -1.89 -2.63 3.65
CA ILE B 90 -2.51 -1.31 3.55
C ILE B 90 -1.91 -0.54 2.37
N VAL B 91 -2.75 -0.11 1.44
CA VAL B 91 -2.29 0.63 0.27
C VAL B 91 -2.97 2.00 0.24
N SER B 92 -2.23 3.05 0.60
CA SER B 92 -2.81 4.38 0.63
C SER B 92 -2.33 5.40 -0.38
N MET B 93 -3.30 6.03 -1.04
CA MET B 93 -3.04 7.09 -1.99
C MET B 93 -3.77 8.29 -1.40
N LEU B 94 -3.95 8.25 -0.08
CA LEU B 94 -4.64 9.32 0.62
C LEU B 94 -3.77 10.55 0.73
N THR B 95 -4.42 11.70 0.73
CA THR B 95 -3.76 12.99 0.79
C THR B 95 -3.82 13.65 2.17
N LYS B 96 -4.71 13.17 3.02
CA LYS B 96 -4.87 13.72 4.36
C LYS B 96 -5.13 12.59 5.35
N GLU B 97 -5.10 12.94 6.63
CA GLU B 97 -5.37 11.96 7.67
C GLU B 97 -6.88 11.79 7.74
N LEU B 98 -7.32 10.57 8.07
CA LEU B 98 -8.75 10.28 8.14
C LEU B 98 -9.19 9.91 9.54
N TYR B 99 -10.20 10.63 10.03
CA TYR B 99 -10.78 10.41 11.35
C TYR B 99 -12.28 10.17 11.22
N PHE B 100 -12.78 9.14 11.88
CA PHE B 100 -14.20 8.82 11.81
C PHE B 100 -15.05 9.62 12.80
N TYR B 101 -14.62 10.84 13.12
CA TYR B 101 -15.35 11.69 14.04
C TYR B 101 -14.97 13.16 13.83
N ASP C 6 2.41 -1.99 23.72
CA ASP C 6 3.49 -1.41 22.89
C ASP C 6 3.12 -1.47 21.41
N ASN C 7 2.57 -0.37 20.90
CA ASN C 7 2.16 -0.29 19.51
C ASN C 7 3.13 0.53 18.64
N SER C 8 4.35 0.72 19.13
CA SER C 8 5.35 1.46 18.37
C SER C 8 6.65 0.68 18.38
N TYR C 9 7.32 0.63 17.23
CA TYR C 9 8.58 -0.10 17.11
C TYR C 9 9.64 0.41 18.07
N LYS C 10 10.37 -0.54 18.65
CA LYS C 10 11.46 -0.21 19.57
C LYS C 10 12.55 0.39 18.70
N MET C 11 12.87 1.66 18.93
CA MET C 11 13.87 2.36 18.15
C MET C 11 15.01 2.86 19.03
N ASP C 12 15.21 2.19 20.17
CA ASP C 12 16.25 2.57 21.11
C ASP C 12 17.47 1.64 21.09
N TYR C 13 17.65 0.93 19.99
CA TYR C 13 18.81 0.05 19.85
C TYR C 13 20.02 0.96 19.72
N PRO C 14 21.24 0.42 19.89
CA PRO C 14 22.44 1.25 19.77
C PRO C 14 22.52 2.00 18.44
N GLU C 15 21.90 1.45 17.39
CA GLU C 15 21.92 2.09 16.08
C GLU C 15 20.56 2.06 15.39
N MET C 16 20.24 3.14 14.67
CA MET C 16 18.96 3.23 13.94
C MET C 16 18.96 2.19 12.82
N GLY C 17 20.13 2.01 12.21
CA GLY C 17 20.28 1.05 11.14
C GLY C 17 20.93 1.59 9.87
N LEU C 18 20.98 0.72 8.86
CA LEU C 18 21.56 1.07 7.58
C LEU C 18 20.54 1.72 6.64
N CYS C 19 21.06 2.58 5.76
CA CYS C 19 20.24 3.23 4.76
C CYS C 19 21.01 3.02 3.46
N ILE C 20 20.66 1.97 2.73
CA ILE C 20 21.33 1.67 1.47
C ILE C 20 20.64 2.46 0.35
N ILE C 21 21.38 3.32 -0.32
CA ILE C 21 20.84 4.13 -1.41
C ILE C 21 21.50 3.73 -2.73
N ILE C 22 20.69 3.21 -3.65
CA ILE C 22 21.20 2.81 -4.96
C ILE C 22 20.76 3.85 -5.99
N ASN C 23 21.72 4.64 -6.43
CA ASN C 23 21.53 5.72 -7.39
C ASN C 23 21.97 5.32 -8.80
N ASN C 24 21.04 4.89 -9.63
CA ASN C 24 21.38 4.50 -11.00
C ASN C 24 21.02 5.64 -11.96
N LYS C 25 22.05 6.25 -12.52
CA LYS C 25 21.88 7.37 -13.43
C LYS C 25 22.21 7.04 -14.90
N ASN C 26 23.34 6.37 -15.12
CA ASN C 26 23.76 6.03 -16.47
C ASN C 26 23.51 4.58 -16.84
N PHE C 27 22.77 4.37 -17.90
CA PHE C 27 22.45 3.03 -18.35
C PHE C 27 23.13 2.64 -19.66
N HIS C 28 23.45 1.36 -19.77
CA HIS C 28 24.11 0.82 -20.97
C HIS C 28 23.30 1.13 -22.21
N LYS C 29 24.00 1.62 -23.24
CA LYS C 29 23.39 1.97 -24.54
C LYS C 29 22.32 0.99 -24.97
N SER C 30 22.67 -0.30 -24.90
CA SER C 30 21.78 -1.39 -25.30
C SER C 30 20.41 -1.40 -24.65
N THR C 31 20.28 -0.77 -23.49
CA THR C 31 19.00 -0.74 -22.77
C THR C 31 18.02 0.28 -23.32
N GLY C 32 18.53 1.34 -23.91
CA GLY C 32 17.66 2.36 -24.45
C GLY C 32 17.08 3.24 -23.34
N MET C 33 17.72 3.20 -22.17
CA MET C 33 17.29 4.00 -21.02
C MET C 33 18.00 5.34 -21.06
N THR C 34 17.27 6.42 -20.83
CA THR C 34 17.84 7.75 -20.84
C THR C 34 18.56 8.04 -19.53
N SER C 35 19.55 8.92 -19.59
CA SER C 35 20.32 9.29 -18.41
C SER C 35 19.32 9.95 -17.45
N ARG C 36 19.35 9.57 -16.18
CA ARG C 36 18.40 10.13 -15.21
C ARG C 36 18.84 11.44 -14.54
N SER C 37 18.94 12.50 -15.35
CA SER C 37 19.34 13.82 -14.87
C SER C 37 18.53 14.20 -13.64
N GLY C 38 19.22 14.69 -12.61
CA GLY C 38 18.56 15.08 -11.39
C GLY C 38 18.68 14.05 -10.26
N THR C 39 18.88 12.79 -10.64
CA THR C 39 18.96 11.72 -9.65
C THR C 39 20.04 11.95 -8.58
N ASP C 40 21.16 12.57 -8.97
CA ASP C 40 22.24 12.84 -8.02
C ASP C 40 21.76 13.78 -6.93
N VAL C 41 20.92 14.74 -7.28
CA VAL C 41 20.39 15.68 -6.31
C VAL C 41 19.57 14.88 -5.28
N ASP C 42 18.84 13.88 -5.77
CA ASP C 42 18.05 13.03 -4.89
C ASP C 42 18.94 12.24 -3.95
N ALA C 43 19.98 11.64 -4.52
CA ALA C 43 20.91 10.83 -3.73
C ALA C 43 21.54 11.63 -2.61
N ALA C 44 22.00 12.83 -2.95
CA ALA C 44 22.63 13.69 -1.95
C ALA C 44 21.60 14.12 -0.90
N ASN C 45 20.40 14.46 -1.35
CA ASN C 45 19.33 14.88 -0.45
C ASN C 45 18.99 13.75 0.55
N LEU C 46 18.83 12.54 0.04
CA LEU C 46 18.54 11.39 0.88
C LEU C 46 19.67 11.10 1.88
N ARG C 47 20.91 11.27 1.44
CA ARG C 47 22.07 11.04 2.29
C ARG C 47 22.04 11.95 3.52
N GLU C 48 21.81 13.24 3.30
CA GLU C 48 21.75 14.24 4.36
C GLU C 48 20.58 14.01 5.31
N THR C 49 19.43 13.68 4.72
CA THR C 49 18.21 13.45 5.49
C THR C 49 18.36 12.28 6.45
N PHE C 50 18.82 11.15 5.95
CA PHE C 50 18.97 10.00 6.82
C PHE C 50 20.17 10.12 7.77
N ARG C 51 21.12 10.99 7.44
CA ARG C 51 22.26 11.20 8.32
C ARG C 51 21.70 11.91 9.56
N ASN C 52 20.78 12.84 9.32
CA ASN C 52 20.14 13.57 10.41
C ASN C 52 19.23 12.68 11.23
N LEU C 53 18.75 11.59 10.64
CA LEU C 53 17.88 10.67 11.37
C LEU C 53 18.73 9.59 12.05
N LYS C 54 20.06 9.74 11.95
CA LYS C 54 21.02 8.83 12.56
C LYS C 54 21.18 7.45 11.92
N TYR C 55 20.99 7.36 10.61
CA TYR C 55 21.18 6.10 9.90
C TYR C 55 22.58 6.02 9.33
N GLU C 56 23.11 4.82 9.25
CA GLU C 56 24.43 4.61 8.67
C GLU C 56 24.16 4.55 7.18
N VAL C 57 24.39 5.66 6.49
CA VAL C 57 24.12 5.73 5.06
C VAL C 57 25.22 5.23 4.14
N ARG C 58 24.83 4.47 3.12
CA ARG C 58 25.77 3.93 2.15
C ARG C 58 25.25 4.19 0.74
N ASN C 59 25.91 5.09 0.02
CA ASN C 59 25.52 5.42 -1.34
C ASN C 59 26.26 4.54 -2.34
N LYS C 60 25.53 4.01 -3.31
CA LYS C 60 26.06 3.15 -4.36
C LYS C 60 25.57 3.71 -5.68
N ASN C 61 26.48 3.93 -6.63
CA ASN C 61 26.11 4.51 -7.91
C ASN C 61 26.26 3.57 -9.11
N ASP C 62 25.32 3.67 -10.03
CA ASP C 62 25.30 2.87 -11.24
C ASP C 62 25.66 1.40 -11.03
N LEU C 63 24.72 0.64 -10.49
CA LEU C 63 24.95 -0.77 -10.25
C LEU C 63 24.24 -1.62 -11.30
N THR C 64 24.88 -2.71 -11.70
CA THR C 64 24.30 -3.61 -12.68
C THR C 64 23.28 -4.45 -11.93
N ARG C 65 22.42 -5.15 -12.66
CA ARG C 65 21.42 -6.02 -12.05
C ARG C 65 22.12 -6.96 -11.09
N GLU C 66 23.26 -7.52 -11.52
CA GLU C 66 24.02 -8.44 -10.69
C GLU C 66 24.51 -7.79 -9.41
N GLU C 67 25.04 -6.58 -9.52
CA GLU C 67 25.58 -5.88 -8.35
C GLU C 67 24.50 -5.49 -7.33
N ILE C 68 23.32 -5.15 -7.82
CA ILE C 68 22.21 -4.78 -6.95
C ILE C 68 21.86 -6.00 -6.11
N VAL C 69 21.64 -7.13 -6.77
CA VAL C 69 21.31 -8.38 -6.11
C VAL C 69 22.42 -8.77 -5.13
N GLU C 70 23.66 -8.71 -5.61
CA GLU C 70 24.81 -9.08 -4.80
C GLU C 70 24.90 -8.23 -3.53
N LEU C 71 24.70 -6.93 -3.69
CA LEU C 71 24.75 -6.00 -2.58
C LEU C 71 23.65 -6.29 -1.55
N MET C 72 22.44 -6.47 -2.05
CA MET C 72 21.30 -6.74 -1.19
C MET C 72 21.48 -8.04 -0.43
N ARG C 73 22.04 -9.05 -1.08
CA ARG C 73 22.27 -10.34 -0.42
C ARG C 73 23.24 -10.15 0.74
N ASP C 74 24.38 -9.51 0.45
CA ASP C 74 25.40 -9.23 1.46
C ASP C 74 24.85 -8.43 2.64
N VAL C 75 24.12 -7.36 2.34
CA VAL C 75 23.57 -6.53 3.41
C VAL C 75 22.66 -7.33 4.32
N SER C 76 21.82 -8.16 3.72
CA SER C 76 20.89 -9.00 4.47
C SER C 76 21.63 -10.05 5.29
N LYS C 77 22.85 -10.36 4.89
CA LYS C 77 23.64 -11.36 5.60
C LYS C 77 24.45 -10.73 6.72
N GLU C 78 24.42 -9.40 6.80
CA GLU C 78 25.12 -8.69 7.86
C GLU C 78 24.34 -8.93 9.15
N ASP C 79 24.95 -8.63 10.29
CA ASP C 79 24.29 -8.81 11.57
C ASP C 79 23.65 -7.48 11.99
N HIS C 80 22.33 -7.42 11.98
CA HIS C 80 21.59 -6.22 12.32
C HIS C 80 21.09 -6.20 13.76
N SER C 81 21.58 -7.15 14.56
CA SER C 81 21.18 -7.26 15.96
C SER C 81 21.15 -5.94 16.73
N LYS C 82 22.17 -5.12 16.55
CA LYS C 82 22.24 -3.84 17.24
C LYS C 82 21.58 -2.69 16.48
N ARG C 83 20.78 -3.03 15.46
CA ARG C 83 20.10 -2.01 14.66
C ARG C 83 18.59 -2.04 14.86
N SER C 84 17.99 -0.86 14.90
CA SER C 84 16.54 -0.75 15.10
C SER C 84 15.74 -1.06 13.85
N SER C 85 16.28 -0.70 12.69
CA SER C 85 15.56 -0.92 11.44
C SER C 85 16.47 -1.03 10.23
N PHE C 86 15.85 -1.06 9.06
CA PHE C 86 16.57 -1.14 7.80
C PHE C 86 15.90 -0.30 6.72
N VAL C 87 16.70 0.47 6.00
CA VAL C 87 16.19 1.32 4.93
C VAL C 87 16.96 1.11 3.64
N CYS C 88 16.23 0.94 2.55
CA CYS C 88 16.81 0.79 1.23
C CYS C 88 16.07 1.75 0.31
N VAL C 89 16.83 2.55 -0.43
CA VAL C 89 16.25 3.49 -1.37
C VAL C 89 16.77 3.15 -2.75
N LEU C 90 15.85 3.01 -3.69
CA LEU C 90 16.19 2.67 -5.06
C LEU C 90 15.77 3.81 -5.99
N LEU C 91 16.76 4.38 -6.68
CA LEU C 91 16.51 5.47 -7.62
C LEU C 91 16.86 4.95 -9.01
N SER C 92 15.87 4.79 -9.88
CA SER C 92 16.18 4.29 -11.21
C SER C 92 14.94 4.21 -12.09
N HIS C 93 15.12 3.57 -13.25
CA HIS C 93 14.03 3.34 -14.18
C HIS C 93 13.36 2.07 -13.66
N GLY C 94 12.11 1.85 -14.04
CA GLY C 94 11.40 0.67 -13.59
C GLY C 94 10.08 0.44 -14.28
N GLU C 95 9.47 -0.70 -13.96
CA GLU C 95 8.17 -1.11 -14.50
C GLU C 95 7.47 -1.67 -13.28
N GLU C 96 6.27 -2.20 -13.45
CA GLU C 96 5.56 -2.74 -12.30
C GLU C 96 6.36 -3.88 -11.66
N GLY C 97 6.63 -3.75 -10.36
CA GLY C 97 7.37 -4.76 -9.64
C GLY C 97 8.79 -4.97 -10.13
N ILE C 98 9.36 -3.98 -10.82
CA ILE C 98 10.70 -4.09 -11.35
C ILE C 98 11.52 -2.81 -11.26
N ILE C 99 12.82 -2.97 -11.05
CA ILE C 99 13.73 -1.84 -11.01
C ILE C 99 14.92 -2.23 -11.88
N PHE C 100 15.44 -1.26 -12.61
CA PHE C 100 16.54 -1.52 -13.52
C PHE C 100 17.95 -1.29 -13.02
N GLY C 101 18.82 -2.25 -13.28
CA GLY C 101 20.22 -2.08 -12.96
C GLY C 101 20.70 -1.35 -14.21
N THR C 102 21.92 -0.84 -14.21
CA THR C 102 22.39 -0.12 -15.38
C THR C 102 22.35 -0.99 -16.65
N ASN C 103 22.30 -2.30 -16.47
CA ASN C 103 22.31 -3.22 -17.61
C ASN C 103 21.10 -4.12 -17.78
N GLY C 104 20.02 -3.84 -17.06
CA GLY C 104 18.85 -4.68 -17.19
C GLY C 104 17.94 -4.67 -15.98
N PRO C 105 16.75 -5.29 -16.10
CA PRO C 105 15.73 -5.38 -15.05
C PRO C 105 16.02 -6.33 -13.90
N VAL C 106 15.51 -5.96 -12.73
CA VAL C 106 15.64 -6.75 -11.51
C VAL C 106 14.25 -6.78 -10.88
N ASP C 107 13.78 -7.97 -10.49
CA ASP C 107 12.49 -8.07 -9.83
C ASP C 107 12.64 -7.57 -8.39
N LEU C 108 11.76 -6.67 -7.97
CA LEU C 108 11.82 -6.14 -6.62
C LEU C 108 11.64 -7.24 -5.59
N LYS C 109 10.86 -8.26 -5.95
CA LYS C 109 10.62 -9.39 -5.06
C LYS C 109 11.94 -10.10 -4.77
N LYS C 110 12.84 -10.07 -5.75
CA LYS C 110 14.15 -10.70 -5.64
C LYS C 110 15.03 -10.13 -4.54
N ILE C 111 15.14 -8.80 -4.47
CA ILE C 111 15.99 -8.20 -3.45
C ILE C 111 15.27 -8.04 -2.12
N THR C 112 13.95 -7.96 -2.20
CA THR C 112 13.11 -7.83 -1.01
C THR C 112 13.11 -9.15 -0.22
N ASN C 113 13.12 -10.27 -0.91
CA ASN C 113 13.11 -11.58 -0.27
C ASN C 113 14.25 -11.80 0.71
N PHE C 114 15.42 -11.23 0.41
CA PHE C 114 16.58 -11.38 1.28
C PHE C 114 16.29 -10.96 2.71
N PHE C 115 15.33 -10.06 2.89
CA PHE C 115 15.02 -9.54 4.21
C PHE C 115 13.71 -10.06 4.80
N ARG C 116 13.11 -11.08 4.21
CA ARG C 116 11.86 -11.56 4.77
C ARG C 116 12.00 -12.42 6.03
N GLY C 117 11.21 -12.05 7.04
CA GLY C 117 11.18 -12.71 8.34
C GLY C 117 12.12 -13.86 8.65
N ASP C 118 11.96 -14.96 7.92
CA ASP C 118 12.76 -16.16 8.12
C ASP C 118 14.12 -16.12 7.42
N ARG C 119 14.33 -15.10 6.60
CA ARG C 119 15.57 -14.93 5.84
C ARG C 119 16.63 -14.07 6.53
N CYS C 120 16.21 -13.00 7.17
CA CYS C 120 17.14 -12.11 7.86
C CYS C 120 16.75 -12.04 9.34
N ARG C 121 17.12 -13.09 10.06
CA ARG C 121 16.82 -13.23 11.47
C ARG C 121 17.12 -12.02 12.36
N SER C 122 18.23 -11.33 12.10
CA SER C 122 18.58 -10.17 12.93
C SER C 122 17.68 -8.96 12.70
N LEU C 123 16.79 -9.04 11.71
CA LEU C 123 15.87 -7.95 11.43
C LEU C 123 14.42 -8.39 11.64
N THR C 124 14.23 -9.64 12.05
CA THR C 124 12.89 -10.15 12.29
C THR C 124 12.23 -9.28 13.35
N GLY C 125 10.99 -8.86 13.08
CA GLY C 125 10.28 -8.03 14.03
C GLY C 125 10.70 -6.57 13.96
N LYS C 126 11.55 -6.23 13.00
CA LYS C 126 12.00 -4.84 12.87
C LYS C 126 11.52 -4.25 11.54
N PRO C 127 11.17 -2.96 11.54
CA PRO C 127 10.70 -2.32 10.32
C PRO C 127 11.73 -2.29 9.20
N LYS C 128 11.32 -2.76 8.03
CA LYS C 128 12.15 -2.81 6.84
C LYS C 128 11.50 -1.91 5.78
N LEU C 129 12.15 -0.78 5.51
CA LEU C 129 11.62 0.20 4.57
C LEU C 129 12.25 0.24 3.18
N PHE C 130 11.42 0.15 2.14
CA PHE C 130 11.92 0.24 0.78
C PHE C 130 11.28 1.43 0.09
N ILE C 131 12.09 2.47 -0.13
CA ILE C 131 11.66 3.71 -0.77
C ILE C 131 12.04 3.60 -2.25
N ILE C 132 11.03 3.61 -3.11
CA ILE C 132 11.25 3.42 -4.53
C ILE C 132 10.84 4.52 -5.50
N GLN C 133 11.83 5.15 -6.11
CA GLN C 133 11.61 6.19 -7.10
C GLN C 133 11.87 5.51 -8.44
N ALA C 134 10.79 5.13 -9.13
CA ALA C 134 10.86 4.45 -10.42
C ALA C 134 9.44 4.30 -10.96
N CYS C 135 9.30 4.19 -12.28
CA CYS C 135 7.97 4.04 -12.87
C CYS C 135 7.43 2.66 -12.58
N ARG C 136 6.11 2.53 -12.60
CA ARG C 136 5.44 1.27 -12.33
C ARG C 136 4.51 0.93 -13.49
N GLY C 137 4.85 1.50 -14.66
CA GLY C 137 4.05 1.29 -15.84
C GLY C 137 4.14 2.50 -16.75
N THR C 138 3.28 2.55 -17.76
CA THR C 138 3.28 3.66 -18.70
C THR C 138 1.98 4.44 -18.72
N GLU C 139 1.22 4.39 -17.63
CA GLU C 139 -0.03 5.15 -17.56
C GLU C 139 0.24 6.58 -17.09
N LEU C 140 -0.46 7.53 -17.69
CA LEU C 140 -0.31 8.93 -17.32
C LEU C 140 -1.54 9.41 -16.58
N ASP C 141 -1.33 10.27 -15.58
CA ASP C 141 -2.42 10.82 -14.79
C ASP C 141 -2.62 12.26 -15.26
N CYS C 142 -3.76 12.52 -15.91
CA CYS C 142 -4.05 13.85 -16.43
C CYS C 142 -4.64 14.81 -15.40
N GLY C 143 -4.93 14.30 -14.21
CA GLY C 143 -5.49 15.14 -13.16
C GLY C 143 -6.95 15.51 -13.39
N ILE C 144 -7.52 16.22 -12.43
CA ILE C 144 -8.91 16.63 -12.50
C ILE C 144 -9.06 18.01 -11.85
N GLU C 145 -10.06 18.76 -12.31
CA GLU C 145 -10.33 20.09 -11.79
C GLU C 145 -9.08 20.97 -11.93
N LYS D 11 5.32 -16.36 16.67
CA LYS D 11 5.31 -16.71 15.23
C LYS D 11 4.59 -15.63 14.42
N ILE D 12 5.32 -14.98 13.52
CA ILE D 12 4.74 -13.93 12.69
C ILE D 12 4.96 -14.18 11.21
N PRO D 13 4.15 -13.54 10.35
CA PRO D 13 4.31 -13.73 8.90
C PRO D 13 5.70 -13.31 8.46
N VAL D 14 6.24 -13.98 7.45
CA VAL D 14 7.56 -13.64 6.96
C VAL D 14 7.50 -12.33 6.16
N GLU D 15 6.30 -11.98 5.70
CA GLU D 15 6.10 -10.77 4.92
C GLU D 15 5.73 -9.57 5.79
N ALA D 16 5.73 -9.75 7.10
CA ALA D 16 5.37 -8.68 8.03
C ALA D 16 6.54 -7.75 8.34
N ASP D 17 6.20 -6.51 8.66
CA ASP D 17 7.17 -5.48 9.02
C ASP D 17 7.96 -4.92 7.84
N PHE D 18 7.28 -4.87 6.69
CA PHE D 18 7.84 -4.32 5.47
C PHE D 18 6.99 -3.10 5.14
N LEU D 19 7.62 -2.09 4.56
CA LEU D 19 6.93 -0.89 4.18
C LEU D 19 7.49 -0.46 2.83
N TYR D 20 6.62 -0.34 1.85
CA TYR D 20 7.07 0.07 0.53
C TYR D 20 6.53 1.45 0.21
N ALA D 21 7.41 2.43 0.20
CA ALA D 21 7.03 3.80 -0.11
C ALA D 21 7.26 4.02 -1.61
N TYR D 22 6.24 3.73 -2.40
CA TYR D 22 6.36 3.89 -3.85
C TYR D 22 6.15 5.35 -4.24
N SER D 23 6.91 5.81 -5.22
CA SER D 23 6.80 7.19 -5.68
C SER D 23 5.52 7.40 -6.47
N THR D 24 4.91 6.33 -6.95
CA THR D 24 3.71 6.47 -7.76
C THR D 24 2.79 5.25 -7.72
N ALA D 25 1.54 5.47 -8.13
CA ALA D 25 0.52 4.42 -8.15
C ALA D 25 0.89 3.27 -9.09
N PRO D 26 0.32 2.08 -8.85
CA PRO D 26 0.56 0.90 -9.68
C PRO D 26 0.24 1.18 -11.14
N GLY D 27 1.15 0.80 -12.02
CA GLY D 27 0.93 1.01 -13.45
C GLY D 27 1.20 2.39 -14.01
N TYR D 28 1.61 3.32 -13.15
CA TYR D 28 1.87 4.68 -13.63
C TYR D 28 3.33 5.09 -13.72
N TYR D 29 3.55 6.15 -14.49
CA TYR D 29 4.86 6.74 -14.66
C TYR D 29 5.21 7.51 -13.38
N SER D 30 6.49 7.78 -13.17
CA SER D 30 6.93 8.57 -12.02
C SER D 30 7.73 9.73 -12.61
N TRP D 31 7.53 10.93 -12.08
CA TRP D 31 8.21 12.10 -12.60
C TRP D 31 9.47 12.59 -11.90
N ARG D 32 10.40 13.07 -12.70
CA ARG D 32 11.69 13.57 -12.23
C ARG D 32 12.03 14.91 -12.89
N ASN D 33 12.59 15.83 -12.11
CA ASN D 33 12.99 17.14 -12.61
C ASN D 33 14.51 17.11 -12.74
N SER D 34 14.99 17.48 -13.92
CA SER D 34 16.41 17.47 -14.24
C SER D 34 17.35 18.20 -13.29
N LYS D 35 16.84 19.23 -12.62
CA LYS D 35 17.69 19.98 -11.71
C LYS D 35 17.34 19.82 -10.25
N ASP D 36 16.08 19.56 -9.95
CA ASP D 36 15.63 19.43 -8.56
C ASP D 36 15.51 17.99 -8.06
N GLY D 37 15.50 17.02 -8.97
CA GLY D 37 15.36 15.64 -8.57
C GLY D 37 13.92 15.22 -8.76
N SER D 38 13.59 13.99 -8.37
CA SER D 38 12.21 13.51 -8.54
C SER D 38 11.27 14.22 -7.58
N TRP D 39 10.01 14.33 -8.00
CA TRP D 39 8.99 14.98 -7.18
C TRP D 39 8.83 14.26 -5.85
N PHE D 40 8.83 12.93 -5.93
CA PHE D 40 8.68 12.10 -4.73
C PHE D 40 9.83 12.27 -3.74
N ILE D 41 11.06 12.04 -4.18
CA ILE D 41 12.19 12.14 -3.27
C ILE D 41 12.35 13.51 -2.63
N GLN D 42 12.27 14.57 -3.42
CA GLN D 42 12.42 15.89 -2.82
C GLN D 42 11.28 16.19 -1.82
N SER D 43 10.07 15.72 -2.12
CA SER D 43 8.95 15.93 -1.20
C SER D 43 9.15 15.09 0.06
N LEU D 44 9.62 13.86 -0.11
CA LEU D 44 9.88 12.98 1.02
C LEU D 44 10.94 13.59 1.95
N CYS D 45 12.05 14.06 1.37
CA CYS D 45 13.10 14.65 2.19
C CYS D 45 12.61 15.88 2.91
N ALA D 46 11.81 16.70 2.23
CA ALA D 46 11.28 17.91 2.84
C ALA D 46 10.40 17.57 4.04
N MET D 47 9.50 16.61 3.89
CA MET D 47 8.61 16.23 4.97
C MET D 47 9.35 15.57 6.13
N LEU D 48 10.36 14.76 5.83
CA LEU D 48 11.12 14.12 6.89
C LEU D 48 11.89 15.20 7.67
N LYS D 49 12.47 16.16 6.94
CA LYS D 49 13.22 17.22 7.59
C LYS D 49 12.33 18.02 8.56
N GLN D 50 11.11 18.31 8.13
CA GLN D 50 10.19 19.10 8.95
C GLN D 50 9.41 18.33 10.00
N TYR D 51 9.08 17.07 9.73
CA TYR D 51 8.25 16.32 10.65
C TYR D 51 8.79 15.05 11.32
N ALA D 52 9.96 14.57 10.90
CA ALA D 52 10.52 13.37 11.49
C ALA D 52 10.68 13.42 13.01
N ASP D 53 10.74 14.62 13.58
CA ASP D 53 10.90 14.76 15.03
C ASP D 53 9.59 14.72 15.83
N LYS D 54 8.46 14.53 15.15
CA LYS D 54 7.18 14.45 15.84
C LYS D 54 6.17 13.49 15.24
N LEU D 55 5.99 13.53 13.92
CA LEU D 55 5.02 12.67 13.26
C LEU D 55 5.40 11.21 13.05
N GLU D 56 4.39 10.35 13.12
CA GLU D 56 4.55 8.91 12.90
C GLU D 56 4.85 8.81 11.40
N PHE D 57 5.57 7.77 10.99
CA PHE D 57 5.93 7.66 9.59
C PHE D 57 4.80 7.66 8.56
N MET D 58 3.72 6.92 8.80
CA MET D 58 2.61 6.90 7.84
C MET D 58 2.06 8.31 7.63
N HIS D 59 2.01 9.10 8.69
CA HIS D 59 1.51 10.46 8.57
C HIS D 59 2.47 11.32 7.75
N ILE D 60 3.76 11.10 7.91
CA ILE D 60 4.73 11.87 7.14
C ILE D 60 4.53 11.52 5.66
N LEU D 61 4.39 10.23 5.36
CA LEU D 61 4.19 9.78 3.99
C LEU D 61 2.89 10.32 3.39
N THR D 62 1.87 10.49 4.23
CA THR D 62 0.60 11.03 3.76
C THR D 62 0.82 12.50 3.40
N ARG D 63 1.71 13.17 4.12
CA ARG D 63 2.03 14.57 3.85
C ARG D 63 2.77 14.61 2.51
N VAL D 64 3.60 13.60 2.27
CA VAL D 64 4.34 13.53 1.02
C VAL D 64 3.32 13.36 -0.11
N ASN D 65 2.36 12.45 0.08
CA ASN D 65 1.31 12.22 -0.91
C ASN D 65 0.65 13.54 -1.32
N ARG D 66 0.21 14.31 -0.32
CA ARG D 66 -0.44 15.59 -0.59
C ARG D 66 0.47 16.58 -1.32
N LYS D 67 1.72 16.69 -0.86
CA LYS D 67 2.64 17.62 -1.48
C LYS D 67 2.93 17.26 -2.94
N VAL D 68 3.10 15.97 -3.22
CA VAL D 68 3.36 15.52 -4.58
C VAL D 68 2.16 15.76 -5.49
N ALA D 69 0.97 15.40 -5.01
CA ALA D 69 -0.24 15.56 -5.80
C ALA D 69 -0.65 17.02 -5.99
N THR D 70 -0.28 17.86 -5.03
CA THR D 70 -0.64 19.26 -5.05
C THR D 70 0.31 20.23 -5.75
N GLU D 71 1.59 20.15 -5.41
CA GLU D 71 2.58 21.07 -5.93
C GLU D 71 3.32 20.71 -7.21
N PHE D 72 3.05 19.56 -7.79
CA PHE D 72 3.76 19.19 -8.99
C PHE D 72 2.89 18.89 -10.20
N GLU D 73 3.37 19.35 -11.36
CA GLU D 73 2.71 19.13 -12.64
C GLU D 73 3.80 19.13 -13.70
N SER D 74 3.71 18.25 -14.69
CA SER D 74 4.75 18.21 -15.71
C SER D 74 4.59 19.33 -16.73
N PHE D 75 5.71 19.71 -17.31
CA PHE D 75 5.75 20.75 -18.33
C PHE D 75 6.66 20.23 -19.42
N SER D 76 6.07 19.86 -20.57
CA SER D 76 6.84 19.28 -21.66
C SER D 76 6.48 19.85 -23.03
N PHE D 77 7.49 19.97 -23.90
CA PHE D 77 7.25 20.46 -25.26
C PHE D 77 6.45 19.39 -25.97
N ASP D 78 6.51 18.17 -25.43
CA ASP D 78 5.79 17.04 -25.97
C ASP D 78 4.40 16.97 -25.33
N ALA D 79 3.39 17.42 -26.07
CA ALA D 79 2.01 17.44 -25.60
C ALA D 79 1.57 16.17 -24.88
N THR D 80 2.00 15.02 -25.38
CA THR D 80 1.64 13.75 -24.76
C THR D 80 2.04 13.68 -23.29
N PHE D 81 3.19 14.25 -22.96
CA PHE D 81 3.67 14.22 -21.59
C PHE D 81 3.49 15.54 -20.84
N HIS D 82 2.76 16.47 -21.43
CA HIS D 82 2.55 17.78 -20.81
C HIS D 82 1.37 17.88 -19.85
N ALA D 83 1.53 18.67 -18.80
CA ALA D 83 0.49 18.90 -17.80
C ALA D 83 -0.01 17.65 -17.07
N LYS D 84 0.90 16.75 -16.74
CA LYS D 84 0.50 15.52 -16.03
C LYS D 84 0.76 15.62 -14.53
N LYS D 85 0.02 14.82 -13.77
CA LYS D 85 0.13 14.81 -12.32
C LYS D 85 0.60 13.45 -11.79
N GLN D 86 0.87 13.41 -10.48
CA GLN D 86 1.36 12.20 -9.85
C GLN D 86 0.90 12.06 -8.41
N ILE D 87 0.61 10.81 -8.02
CA ILE D 87 0.23 10.51 -6.65
C ILE D 87 1.10 9.34 -6.23
N PRO D 88 1.79 9.46 -5.08
CA PRO D 88 2.66 8.38 -4.59
C PRO D 88 1.78 7.24 -4.05
N CYS D 89 2.38 6.13 -3.66
CA CYS D 89 1.63 4.98 -3.17
C CYS D 89 2.28 4.29 -1.96
N ILE D 90 1.68 4.49 -0.78
CA ILE D 90 2.20 3.90 0.45
C ILE D 90 1.66 2.50 0.64
N VAL D 91 2.56 1.52 0.71
CA VAL D 91 2.18 0.12 0.89
C VAL D 91 2.74 -0.38 2.23
N SER D 92 1.85 -0.57 3.21
CA SER D 92 2.31 -0.98 4.52
C SER D 92 1.90 -2.34 5.05
N MET D 93 2.91 -3.11 5.44
CA MET D 93 2.71 -4.40 6.06
C MET D 93 3.35 -4.24 7.42
N LEU D 94 3.34 -3.01 7.92
CA LEU D 94 3.92 -2.73 9.22
C LEU D 94 2.95 -3.21 10.30
N THR D 95 3.52 -3.57 11.44
CA THR D 95 2.77 -4.08 12.57
C THR D 95 2.68 -3.08 13.72
N LYS D 96 3.50 -2.04 13.64
CA LYS D 96 3.52 -1.01 14.67
C LYS D 96 3.80 0.34 14.04
N GLU D 97 3.61 1.39 14.83
CA GLU D 97 3.85 2.76 14.39
C GLU D 97 5.34 2.99 14.37
N LEU D 98 5.80 3.79 13.42
CA LEU D 98 7.22 4.08 13.27
C LEU D 98 7.55 5.55 13.52
N TYR D 99 8.43 5.76 14.49
CA TYR D 99 8.89 7.09 14.87
C TYR D 99 10.40 7.08 14.75
N PHE D 100 10.95 8.10 14.09
CA PHE D 100 12.40 8.17 13.91
C PHE D 100 13.15 8.80 15.08
N TYR D 101 12.62 8.64 16.29
CA TYR D 101 13.24 9.18 17.50
C TYR D 101 12.94 8.32 18.73
C1 PZN E . -6.29 -21.42 -8.79
C2 PZN E . -6.32 -20.10 -8.02
C3 PZN E . -7.73 -19.47 -7.94
C4 PZN E . -7.82 -18.40 -6.85
C5 PZN E . -8.60 -18.88 -5.62
C6 PZN E . -7.82 -18.67 -4.29
N1 PZN E . -8.55 -18.58 -2.98
C7 PZN E . -9.36 -19.80 -2.72
C8 PZN E . -9.40 -17.36 -2.87
C9 PZN E . -9.36 -16.50 -1.56
O1 PZN E . -9.73 -15.53 -2.22
C10 PZN E . -10.13 -17.09 -0.39
N2 PZN E . -9.21 -18.01 0.26
C11 PZN E . -10.55 -16.02 0.64
C12 PZN E . -12.01 -16.06 1.12
O2 PZN E . -12.37 -15.19 1.97
O3 PZN E . -12.78 -16.95 0.65
C13 PZN E . -9.56 -19.18 0.84
C14 PZN E . -8.58 -19.69 1.91
O4 PZN E . -10.57 -19.81 0.53
C15 PZN E . -7.21 -19.95 1.22
C16 PZN E . -6.00 -19.86 2.16
N3 PZN E . -8.96 -20.91 2.73
C18 PZN E . -9.91 -22.04 4.71
N4 PZN E . -9.59 -23.30 4.15
C19 PZN E . -8.94 -23.42 2.88
C24 PZN E . -8.64 -22.28 2.18
C17 PZN E . -9.58 -20.75 3.96
O5 PZN E . -9.85 -19.67 4.48
C20 PZN E . -8.59 -24.86 2.46
C23 PZN E . -8.07 -24.92 1.01
C21 PZN E . -9.85 -25.76 2.58
C22 PZN E . -7.50 -25.39 3.40
N5 PZN E . -10.51 -22.10 5.93
C25 PZN E . -10.51 -23.26 6.85
C26 PZN E . -9.17 -23.30 7.61
C27 PZN E . -8.57 -22.38 8.60
N7 PZN E . -7.39 -22.88 8.95
O6 PZN E . -7.19 -24.09 8.24
N6 PZN E . -8.31 -24.32 7.42
C28 PZN E . -9.12 -21.06 9.17
C1 PZN F . 9.42 5.78 -24.19
C2 PZN F . 9.46 6.37 -22.77
C3 PZN F . 9.09 5.35 -21.68
C4 PZN F . 9.70 5.72 -20.31
C5 PZN F . 10.29 4.48 -19.60
C6 PZN F . 11.44 4.87 -18.61
N1 PZN F . 11.41 4.45 -17.18
C7 PZN F . 11.42 2.96 -17.05
C8 PZN F . 10.24 5.02 -16.41
C9 PZN F . 10.48 5.55 -14.96
O1 PZN F . 10.84 4.45 -14.55
C10 PZN F . 11.32 6.82 -14.83
N2 PZN F . 10.47 7.95 -15.16
C11 PZN F . 11.82 6.99 -13.36
C12 PZN F . 12.96 7.99 -13.09
O2 PZN F . 12.90 8.66 -12.03
O3 PZN F . 13.90 8.07 -13.92
C13 PZN F . 10.72 8.81 -16.17
C14 PZN F . 9.64 9.89 -16.43
O4 PZN F . 11.74 8.78 -16.86
C15 PZN F . 8.45 9.22 -17.17
C16 PZN F . 7.13 10.01 -17.03
N3 PZN F . 10.06 11.14 -17.17
C18 PZN F . 10.93 13.45 -17.31
N4 PZN F . 10.76 13.41 -18.72
C19 PZN F . 10.24 12.26 -19.41
C24 PZN F . 9.92 11.17 -18.67
C17 PZN F . 10.55 12.22 -16.46
O5 PZN F . 10.69 12.28 -15.24
C20 PZN F . 10.05 12.40 -20.93
C23 PZN F . 9.74 11.03 -21.59
C21 PZN F . 11.33 12.98 -21.57
C22 PZN F . 8.88 13.36 -21.20
N5 PZN F . 11.43 14.59 -16.79
C25 PZN F . 11.46 15.90 -17.45
C26 PZN F . 10.05 16.50 -17.46
C27 PZN F . 9.18 17.05 -16.37
N7 PZN F . 8.05 17.45 -16.93
O6 PZN F . 8.12 17.19 -18.32
N6 PZN F . 9.37 16.61 -18.59
C28 PZN F . 9.44 17.17 -14.87
#